data_4G0R
#
_entry.id   4G0R
#
_cell.length_a   255.400
_cell.length_b   350.400
_cell.length_c   271.600
_cell.angle_alpha   90.00
_cell.angle_beta   90.34
_cell.angle_gamma   90.00
#
_symmetry.space_group_name_H-M   'P 1 21 1'
#
loop_
_entity.id
_entity.type
_entity.pdbx_description
1 polymer 'Capsid protein VP1'
2 polymer "DNA (5'-D(P*CP*TP*GP*AP*CP*TP*TP*CP*AP*A)-3')"
3 non-polymer 1,2-ETHANEDIOL
4 non-polymer "2'-DEOXYCYTIDINE-5'-MONOPHOSPHATE"
5 non-polymer 'SODIUM ION'
6 non-polymer 'CHLORIDE ION'
7 non-polymer 'MAGNESIUM ION'
8 water water
#
loop_
_entity_poly.entity_id
_entity_poly.type
_entity_poly.pdbx_seq_one_letter_code
_entity_poly.pdbx_strand_id
1 'polypeptide(L)'
;MAPPAKRAKRGWVPPGYKYLGPGNSLDQGEPTNPSDAAAKEHDEAYDQYIKSGKNPYLYFSPADQRFIDQTKDAKDWGGK
VGHYFFRTKRAFAPKLSTDSEPGTSGVSRPGKRTKPPAHIFVNQARAKKKRASLAAQQRTLTMSDGTETNQPDTGIANAR
VERSADGGGSSGGGGSGGGGIGVSTGTYDNQTTYKFLGDGWVEITAHASRLLHLGMPPSENYCRVTVHNNQTTGHGTKVK
GNMAYDDTHQQIWTPWSLVDANAWGVWFQPSDWQFIQNSMESLNLDSLSQELFNVVVKTVTEQQGAGQDAIKVYNNDLTA
CMMVALDSNNILPYTPAAQTSETLGFYPWKPTAPAPYRYYFFMPRQLSVTSSNSAEGTQITDTIGEPQALNSQFFTIENT
LPITLLRTGDEFTTGTYIFNTDPLKLTHTWQTNRHLGMPPRITDLPTSDTATASLTANGDRFGSTQTQNVNYVTEALRTR
PAQIGFMQPHDNFEANRGGPFKVPVVPLDITAGEDHDANGAIRFNYGKQHGEDWAKQGAAPERYTWDAIDSAAGRDTARC
FVQSAPISIPPNQNQILQREDAIAGRTNMHYTNVFNSYGPLSAFPHPDPIYPNGQIWDKELDLEHKPRLHVTAPFVCKNN
PPGQLFVRLGPNLTDQFDPNSTTVSRIVTYSTFYWKGILKFKAKLRPNLTWNPVYQATTDSVANSYMNVKKWLPSATGNM
HSDPLICRPVPHMTY
;
A
2 'polydeoxyribonucleotide' (DC)(DT)(DG)(DA)(DC)(DT)(DT)(DC)(DA)(DA) C
#
loop_
_chem_comp.id
_chem_comp.type
_chem_comp.name
_chem_comp.formula
CL non-polymer 'CHLORIDE ION' 'Cl -1'
DA DNA linking 2'-DEOXYADENOSINE-5'-MONOPHOSPHATE 'C10 H14 N5 O6 P'
DC DNA linking 2'-DEOXYCYTIDINE-5'-MONOPHOSPHATE 'C9 H14 N3 O7 P'
DG DNA linking 2'-DEOXYGUANOSINE-5'-MONOPHOSPHATE 'C10 H14 N5 O7 P'
DT DNA linking THYMIDINE-5'-MONOPHOSPHATE 'C10 H15 N2 O8 P'
EDO non-polymer 1,2-ETHANEDIOL 'C2 H6 O2'
MG non-polymer 'MAGNESIUM ION' 'Mg 2'
NA non-polymer 'SODIUM ION' 'Na 1'
#
# COMPACT_ATOMS: atom_id res chain seq x y z
N GLY A 180 -25.09 30.13 13.94
CA GLY A 180 -24.50 30.84 15.13
C GLY A 180 -23.08 30.41 15.43
N ILE A 181 -22.32 31.31 16.06
CA ILE A 181 -20.94 31.02 16.39
C ILE A 181 -20.74 30.20 17.66
N GLY A 182 -21.70 30.28 18.59
CA GLY A 182 -21.54 29.55 19.84
C GLY A 182 -22.11 28.14 19.96
N VAL A 183 -22.38 27.48 18.85
CA VAL A 183 -22.92 26.11 18.94
C VAL A 183 -22.14 25.17 18.05
N SER A 184 -21.90 23.96 18.55
CA SER A 184 -21.16 22.96 17.80
C SER A 184 -21.99 22.47 16.63
N THR A 185 -21.31 22.08 15.56
CA THR A 185 -21.99 21.63 14.34
C THR A 185 -21.85 20.13 14.10
N GLY A 186 -21.28 19.43 15.07
CA GLY A 186 -21.10 18.00 14.91
C GLY A 186 -20.75 17.28 16.19
N THR A 187 -20.68 15.96 16.10
CA THR A 187 -20.36 15.11 17.23
C THR A 187 -19.12 14.28 16.96
N TYR A 188 -18.28 14.15 17.97
CA TYR A 188 -17.07 13.36 17.83
C TYR A 188 -17.37 11.91 18.17
N ASP A 189 -16.94 10.99 17.32
CA ASP A 189 -17.16 9.58 17.59
C ASP A 189 -16.09 8.70 16.96
N ASN A 190 -15.46 7.85 17.77
CA ASN A 190 -14.44 6.92 17.29
C ASN A 190 -14.75 5.42 17.47
N GLN A 191 -15.99 5.10 17.85
CA GLN A 191 -16.34 3.75 18.30
C GLN A 191 -16.41 2.80 17.11
N THR A 192 -16.04 1.55 17.34
CA THR A 192 -16.12 0.53 16.30
C THR A 192 -17.21 -0.40 16.79
N THR A 193 -18.35 -0.43 16.10
CA THR A 193 -19.43 -1.30 16.55
C THR A 193 -19.62 -2.53 15.67
N TYR A 194 -20.03 -3.62 16.30
CA TYR A 194 -20.25 -4.87 15.60
C TYR A 194 -21.72 -5.27 15.70
N LYS A 195 -22.43 -5.22 14.58
CA LYS A 195 -23.84 -5.59 14.54
C LYS A 195 -23.92 -7.01 13.97
N PHE A 196 -24.20 -7.98 14.84
CA PHE A 196 -24.29 -9.36 14.37
C PHE A 196 -25.67 -9.69 13.84
N LEU A 197 -25.76 -9.79 12.51
CA LEU A 197 -26.99 -10.03 11.78
C LEU A 197 -27.60 -11.39 12.04
N GLY A 198 -26.75 -12.39 12.18
CA GLY A 198 -27.17 -13.77 12.28
C GLY A 198 -26.89 -14.49 10.97
N ASP A 199 -26.72 -15.80 11.06
CA ASP A 199 -26.28 -16.58 9.92
C ASP A 199 -24.77 -16.38 9.79
N GLY A 200 -24.20 -15.70 10.76
CA GLY A 200 -22.78 -15.43 10.78
C GLY A 200 -22.36 -14.12 10.13
N TRP A 201 -23.33 -13.37 9.61
CA TRP A 201 -23.00 -12.12 8.97
C TRP A 201 -22.82 -11.03 10.02
N VAL A 202 -21.88 -10.13 9.75
CA VAL A 202 -21.61 -9.04 10.67
C VAL A 202 -21.50 -7.72 9.95
N GLU A 203 -22.14 -6.70 10.50
CA GLU A 203 -22.07 -5.36 9.94
C GLU A 203 -21.11 -4.64 10.88
N ILE A 204 -19.94 -4.29 10.38
CA ILE A 204 -18.96 -3.60 11.20
C ILE A 204 -18.98 -2.12 10.84
N THR A 205 -19.27 -1.27 11.82
CA THR A 205 -19.30 0.17 11.57
C THR A 205 -18.15 0.85 12.28
N ALA A 206 -17.20 1.33 11.48
CA ALA A 206 -16.03 2.00 12.03
C ALA A 206 -16.21 3.51 12.00
N HIS A 207 -16.32 4.11 13.18
CA HIS A 207 -16.44 5.56 13.30
C HIS A 207 -15.04 6.09 13.60
N ALA A 208 -14.64 7.16 12.93
CA ALA A 208 -13.34 7.75 13.20
C ALA A 208 -13.47 9.27 13.23
N SER A 209 -12.83 9.89 14.22
CA SER A 209 -12.87 11.34 14.36
C SER A 209 -11.48 11.88 14.67
N ARG A 210 -11.14 13.03 14.11
CA ARG A 210 -9.84 13.64 14.35
C ARG A 210 -9.96 15.16 14.37
N LEU A 211 -9.06 15.80 15.10
CA LEU A 211 -8.99 17.25 15.13
C LEU A 211 -7.91 17.53 14.07
N LEU A 212 -8.20 18.39 13.11
CA LEU A 212 -7.23 18.69 12.06
C LEU A 212 -6.74 20.12 12.12
N HIS A 213 -5.49 20.30 11.71
CA HIS A 213 -4.87 21.63 11.69
C HIS A 213 -4.60 21.97 10.23
N LEU A 214 -4.93 23.19 9.83
CA LEU A 214 -4.70 23.63 8.46
C LEU A 214 -4.07 25.02 8.43
N GLY A 215 -2.90 25.12 7.82
CA GLY A 215 -2.24 26.42 7.72
C GLY A 215 -2.35 27.03 6.33
N MET A 216 -1.80 28.22 6.16
CA MET A 216 -1.82 28.90 4.87
C MET A 216 -0.85 28.21 3.91
N PRO A 217 -1.14 28.24 2.61
CA PRO A 217 -0.23 27.60 1.65
C PRO A 217 0.98 28.51 1.50
N PRO A 218 2.17 27.94 1.26
CA PRO A 218 3.35 28.79 1.10
C PRO A 218 3.21 29.71 -0.13
N SER A 219 2.26 29.38 -0.99
CA SER A 219 2.00 30.19 -2.19
C SER A 219 0.54 30.00 -2.57
N GLU A 220 -0.06 31.00 -3.20
CA GLU A 220 -1.45 30.88 -3.60
C GLU A 220 -1.54 30.47 -5.06
N ASN A 221 -0.40 30.27 -5.70
CA ASN A 221 -0.37 29.92 -7.11
C ASN A 221 -0.30 28.42 -7.36
N TYR A 222 -0.70 28.02 -8.57
CA TYR A 222 -0.51 26.67 -9.04
C TYR A 222 0.85 26.67 -9.73
N CYS A 223 1.77 25.81 -9.27
CA CYS A 223 3.11 25.86 -9.83
C CYS A 223 3.50 24.59 -10.55
N ARG A 224 4.22 24.74 -11.66
CA ARG A 224 4.67 23.58 -12.41
C ARG A 224 6.12 23.38 -11.98
N VAL A 225 6.30 22.55 -10.97
CA VAL A 225 7.60 22.28 -10.38
C VAL A 225 8.33 21.08 -10.96
N THR A 226 9.65 21.20 -11.07
CA THR A 226 10.48 20.14 -11.61
C THR A 226 11.54 19.70 -10.60
N VAL A 227 11.75 18.40 -10.50
CA VAL A 227 12.77 17.84 -9.64
C VAL A 227 13.69 17.09 -10.59
N HIS A 228 14.99 17.36 -10.52
CA HIS A 228 15.96 16.71 -11.40
C HIS A 228 17.23 16.43 -10.60
N ASN A 229 17.36 15.22 -10.07
CA ASN A 229 18.53 14.87 -9.27
C ASN A 229 19.65 14.28 -10.13
N ASN A 230 20.21 15.11 -10.98
CA ASN A 230 21.27 14.69 -11.89
C ASN A 230 22.69 15.09 -11.46
N GLN A 231 22.95 15.07 -10.16
CA GLN A 231 24.28 15.41 -9.66
C GLN A 231 25.27 14.35 -10.15
N THR A 232 26.54 14.72 -10.23
CA THR A 232 27.57 13.79 -10.68
C THR A 232 28.24 13.11 -9.49
N THR A 233 27.70 13.35 -8.30
CA THR A 233 28.24 12.75 -7.09
C THR A 233 27.11 12.20 -6.24
N GLY A 234 27.46 11.56 -5.13
CA GLY A 234 26.45 11.02 -4.24
C GLY A 234 25.42 10.11 -4.91
N HIS A 235 24.15 10.45 -4.73
CA HIS A 235 23.07 9.67 -5.30
C HIS A 235 22.48 10.27 -6.56
N GLY A 236 23.27 11.04 -7.29
CA GLY A 236 22.80 11.65 -8.51
C GLY A 236 22.68 10.62 -9.63
N THR A 237 21.84 10.92 -10.62
CA THR A 237 21.65 10.01 -11.74
C THR A 237 22.76 10.18 -12.77
N LYS A 238 23.70 11.07 -12.47
CA LYS A 238 24.81 11.32 -13.36
C LYS A 238 26.02 10.48 -12.96
N VAL A 239 25.91 9.67 -11.91
CA VAL A 239 27.02 8.81 -11.52
C VAL A 239 26.70 7.40 -12.05
N LYS A 240 27.71 6.72 -12.56
CA LYS A 240 27.54 5.39 -13.14
C LYS A 240 26.77 4.38 -12.28
N GLY A 241 25.75 3.77 -12.89
CA GLY A 241 24.95 2.75 -12.22
C GLY A 241 23.89 3.24 -11.23
N ASN A 242 23.65 4.54 -11.17
CA ASN A 242 22.67 5.09 -10.24
C ASN A 242 21.24 5.25 -10.80
N MET A 243 20.91 4.54 -11.86
CA MET A 243 19.58 4.66 -12.45
C MET A 243 18.45 4.53 -11.43
N ALA A 244 18.53 3.52 -10.57
CA ALA A 244 17.50 3.28 -9.57
C ALA A 244 17.28 4.43 -8.59
N TYR A 245 18.16 5.41 -8.56
CA TYR A 245 18.02 6.55 -7.67
C TYR A 245 17.19 7.67 -8.31
N ASP A 246 16.80 7.50 -9.57
CA ASP A 246 16.06 8.56 -10.26
C ASP A 246 14.82 9.06 -9.52
N ASP A 247 14.76 10.39 -9.39
CA ASP A 247 13.65 11.07 -8.72
C ASP A 247 13.07 12.14 -9.62
N THR A 248 13.67 12.35 -10.79
CA THR A 248 13.20 13.42 -11.64
C THR A 248 11.80 13.22 -12.23
N HIS A 249 10.98 14.25 -12.08
CA HIS A 249 9.62 14.26 -12.57
C HIS A 249 9.15 15.71 -12.51
N GLN A 250 7.92 15.95 -12.95
CA GLN A 250 7.35 17.29 -12.91
C GLN A 250 5.97 17.16 -12.26
N GLN A 251 5.60 18.15 -11.46
CA GLN A 251 4.31 18.10 -10.79
C GLN A 251 3.64 19.45 -10.78
N ILE A 252 2.32 19.43 -10.67
CA ILE A 252 1.55 20.66 -10.55
C ILE A 252 1.32 20.75 -9.06
N TRP A 253 1.98 21.73 -8.43
CA TRP A 253 1.85 21.96 -7.01
C TRP A 253 0.63 22.86 -6.84
N THR A 254 -0.29 22.50 -5.95
CA THR A 254 -1.49 23.32 -5.76
C THR A 254 -1.54 23.87 -4.35
N PRO A 255 -2.31 24.94 -4.14
CA PRO A 255 -2.45 25.54 -2.81
C PRO A 255 -3.51 24.83 -1.97
N TRP A 256 -4.02 23.72 -2.48
CA TRP A 256 -5.04 22.96 -1.76
C TRP A 256 -4.48 21.80 -0.97
N SER A 257 -5.27 21.33 -0.01
CA SER A 257 -4.88 20.20 0.83
C SER A 257 -5.90 19.07 0.71
N LEU A 258 -5.43 17.86 0.91
CA LEU A 258 -6.23 16.66 0.79
C LEU A 258 -6.49 15.98 2.13
N VAL A 259 -7.75 15.68 2.42
CA VAL A 259 -8.11 14.99 3.66
C VAL A 259 -8.30 13.53 3.26
N ASP A 260 -7.27 12.72 3.49
CA ASP A 260 -7.29 11.31 3.12
C ASP A 260 -7.28 10.35 4.31
N ALA A 261 -8.29 9.48 4.38
CA ALA A 261 -8.41 8.53 5.48
C ALA A 261 -8.36 7.09 4.97
N ASN A 262 -7.83 6.91 3.77
CA ASN A 262 -7.76 5.59 3.15
C ASN A 262 -6.55 4.75 3.60
N ALA A 263 -6.59 4.29 4.85
CA ALA A 263 -5.56 3.44 5.45
C ALA A 263 -6.20 2.73 6.63
N TRP A 264 -5.92 1.45 6.78
CA TRP A 264 -6.52 0.66 7.87
C TRP A 264 -6.40 1.27 9.26
N GLY A 265 -5.22 1.82 9.57
CA GLY A 265 -4.99 2.38 10.90
C GLY A 265 -5.91 3.52 11.31
N VAL A 266 -6.56 4.15 10.35
CA VAL A 266 -7.45 5.25 10.65
C VAL A 266 -8.76 4.76 11.27
N TRP A 267 -9.16 3.55 10.92
CA TRP A 267 -10.43 3.02 11.36
C TRP A 267 -10.51 1.98 12.48
N PHE A 268 -9.44 1.24 12.71
CA PHE A 268 -9.49 0.19 13.72
C PHE A 268 -8.44 0.25 14.81
N GLN A 269 -8.83 -0.17 16.00
CA GLN A 269 -7.91 -0.26 17.13
C GLN A 269 -7.18 -1.58 16.88
N PRO A 270 -5.95 -1.72 17.40
CA PRO A 270 -5.26 -2.98 17.17
C PRO A 270 -6.11 -4.21 17.54
N SER A 271 -6.83 -4.14 18.65
CA SER A 271 -7.66 -5.27 19.08
C SER A 271 -8.77 -5.59 18.08
N ASP A 272 -9.29 -4.56 17.41
CA ASP A 272 -10.35 -4.77 16.43
C ASP A 272 -9.81 -5.62 15.28
N TRP A 273 -8.62 -5.27 14.82
CA TRP A 273 -8.02 -6.01 13.73
C TRP A 273 -7.81 -7.45 14.12
N GLN A 274 -7.36 -7.65 15.35
CA GLN A 274 -7.13 -8.99 15.85
C GLN A 274 -8.42 -9.81 15.90
N PHE A 275 -9.48 -9.21 16.44
CA PHE A 275 -10.77 -9.88 16.54
C PHE A 275 -11.27 -10.31 15.17
N ILE A 276 -11.16 -9.41 14.20
CA ILE A 276 -11.61 -9.69 12.85
C ILE A 276 -10.77 -10.79 12.19
N GLN A 277 -9.45 -10.70 12.31
CA GLN A 277 -8.58 -11.72 11.70
C GLN A 277 -8.70 -13.11 12.32
N ASN A 278 -8.94 -13.17 13.63
CA ASN A 278 -9.05 -14.46 14.30
C ASN A 278 -10.40 -15.16 14.16
N SER A 279 -11.46 -14.38 13.99
CA SER A 279 -12.81 -14.95 13.95
C SER A 279 -13.60 -14.87 12.65
N MET A 280 -13.14 -14.04 11.72
CA MET A 280 -13.85 -13.89 10.45
C MET A 280 -13.18 -14.65 9.31
N GLU A 281 -13.93 -14.91 8.25
CA GLU A 281 -13.38 -15.60 7.08
C GLU A 281 -13.34 -14.67 5.87
N SER A 282 -14.22 -13.68 5.85
CA SER A 282 -14.25 -12.74 4.73
C SER A 282 -14.63 -11.35 5.21
N LEU A 283 -14.23 -10.35 4.44
CA LEU A 283 -14.51 -8.96 4.76
C LEU A 283 -14.72 -8.18 3.47
N ASN A 284 -15.70 -7.28 3.46
CA ASN A 284 -15.94 -6.48 2.27
C ASN A 284 -16.38 -5.05 2.61
N LEU A 285 -16.00 -4.11 1.76
CA LEU A 285 -16.36 -2.71 1.97
C LEU A 285 -17.88 -2.52 1.71
N ASP A 286 -18.54 -1.72 2.52
CA ASP A 286 -19.97 -1.48 2.34
C ASP A 286 -20.31 -0.03 1.97
N SER A 287 -19.93 0.91 2.83
CA SER A 287 -20.28 2.32 2.57
C SER A 287 -19.35 3.27 3.32
N LEU A 288 -19.37 4.53 2.92
CA LEU A 288 -18.55 5.56 3.52
C LEU A 288 -19.25 6.92 3.53
N SER A 289 -18.99 7.70 4.56
CA SER A 289 -19.53 9.06 4.66
C SER A 289 -18.55 9.86 5.49
N GLN A 290 -18.43 11.14 5.18
CA GLN A 290 -17.51 12.01 5.90
C GLN A 290 -18.16 13.31 6.26
N GLU A 291 -17.60 13.97 7.27
CA GLU A 291 -18.15 15.23 7.74
C GLU A 291 -17.07 16.14 8.33
N LEU A 292 -17.19 17.44 8.08
CA LEU A 292 -16.26 18.42 8.62
C LEU A 292 -17.11 19.35 9.48
N PHE A 293 -16.68 19.58 10.72
CA PHE A 293 -17.47 20.44 11.61
C PHE A 293 -16.62 21.15 12.64
N ASN A 294 -17.27 22.02 13.42
CA ASN A 294 -16.61 22.83 14.45
C ASN A 294 -15.36 23.49 13.92
N VAL A 295 -15.56 24.21 12.82
CA VAL A 295 -14.50 24.94 12.17
C VAL A 295 -14.10 26.15 13.00
N VAL A 296 -12.79 26.40 13.05
CA VAL A 296 -12.26 27.53 13.80
C VAL A 296 -11.15 28.19 12.99
N VAL A 297 -11.24 29.50 12.80
CA VAL A 297 -10.21 30.21 12.06
C VAL A 297 -9.61 31.26 12.98
N LYS A 298 -8.28 31.27 13.07
CA LYS A 298 -7.58 32.22 13.92
C LYS A 298 -6.49 32.97 13.17
N THR A 299 -6.20 34.19 13.64
CA THR A 299 -5.15 34.99 13.03
C THR A 299 -4.06 35.20 14.09
N VAL A 300 -2.83 35.40 13.64
CA VAL A 300 -1.71 35.59 14.54
C VAL A 300 -1.12 36.99 14.44
N THR A 301 -0.83 37.62 15.57
CA THR A 301 -0.24 38.96 15.57
C THR A 301 0.91 39.02 16.57
N GLU A 302 1.81 39.98 16.37
CA GLU A 302 2.98 40.16 17.23
C GLU A 302 2.72 41.08 18.41
N GLN A 303 3.34 40.77 19.55
CA GLN A 303 3.18 41.56 20.76
C GLN A 303 4.52 42.16 21.21
N GLN A 304 4.42 43.27 21.95
CA GLN A 304 5.58 44.00 22.48
C GLN A 304 6.82 44.24 21.60
N GLY A 305 7.99 43.85 22.11
CA GLY A 305 9.22 44.04 21.36
C GLY A 305 10.43 43.53 22.12
N ALA A 306 10.27 43.30 23.43
CA ALA A 306 11.35 42.80 24.26
C ALA A 306 10.81 42.16 25.54
N GLY A 307 10.58 40.85 25.51
CA GLY A 307 10.81 40.06 24.30
C GLY A 307 12.26 39.64 24.14
N ALA A 310 9.41 39.29 21.74
CA ALA A 310 8.04 39.48 21.24
C ALA A 310 7.24 38.18 21.26
N ILE A 311 6.05 38.22 21.84
CA ILE A 311 5.19 37.05 21.94
C ILE A 311 4.10 37.08 20.87
N LYS A 312 3.53 35.91 20.58
CA LYS A 312 2.46 35.81 19.59
C LYS A 312 1.10 35.82 20.27
N VAL A 313 0.13 36.47 19.66
CA VAL A 313 -1.22 36.52 20.20
C VAL A 313 -2.16 35.93 19.17
N TYR A 314 -3.06 35.06 19.62
CA TYR A 314 -3.99 34.41 18.71
C TYR A 314 -5.43 34.88 18.90
N ASN A 315 -6.06 35.33 17.82
CA ASN A 315 -7.44 35.79 17.91
C ASN A 315 -8.34 35.08 16.92
N ASN A 316 -9.62 35.05 17.24
CA ASN A 316 -10.61 34.43 16.37
C ASN A 316 -10.99 35.39 15.27
N ASP A 317 -10.96 34.89 14.05
CA ASP A 317 -11.53 35.61 12.93
C ASP A 317 -12.87 34.94 12.79
N LEU A 318 -13.89 35.58 13.35
CA LEU A 318 -15.24 35.03 13.30
C LEU A 318 -15.84 35.02 11.90
N THR A 319 -15.39 35.91 11.04
CA THR A 319 -15.95 35.98 9.70
C THR A 319 -15.11 35.30 8.62
N ALA A 320 -13.91 34.85 8.97
CA ALA A 320 -13.04 34.18 8.02
C ALA A 320 -13.62 32.81 7.68
N CYS A 321 -13.20 32.24 6.56
CA CYS A 321 -13.74 30.96 6.16
C CYS A 321 -12.70 29.98 5.63
N MET A 322 -13.10 28.72 5.57
CA MET A 322 -12.27 27.65 5.06
C MET A 322 -13.01 27.13 3.83
N MET A 323 -12.27 26.81 2.76
CA MET A 323 -12.90 26.32 1.54
C MET A 323 -12.85 24.80 1.45
N VAL A 324 -13.96 24.21 1.01
CA VAL A 324 -14.06 22.76 0.88
C VAL A 324 -14.59 22.37 -0.49
N ALA A 325 -14.02 21.32 -1.07
CA ALA A 325 -14.44 20.84 -2.38
C ALA A 325 -14.39 19.33 -2.40
N LEU A 326 -15.38 18.72 -3.04
CA LEU A 326 -15.45 17.26 -3.14
C LEU A 326 -15.44 16.85 -4.61
N ASP A 327 -14.41 16.13 -5.03
CA ASP A 327 -14.31 15.70 -6.43
C ASP A 327 -15.10 14.40 -6.64
N SER A 328 -16.42 14.49 -6.51
CA SER A 328 -17.27 13.32 -6.65
C SER A 328 -17.19 12.65 -8.03
N ASN A 329 -16.84 13.41 -9.07
CA ASN A 329 -16.74 12.84 -10.41
C ASN A 329 -15.36 12.25 -10.70
N ASN A 330 -14.40 12.51 -9.82
CA ASN A 330 -13.04 12.04 -10.01
C ASN A 330 -12.42 12.56 -11.30
N ILE A 331 -12.43 13.87 -11.43
CA ILE A 331 -11.87 14.57 -12.58
C ILE A 331 -10.37 14.73 -12.36
N LEU A 332 -10.00 15.07 -11.12
CA LEU A 332 -8.61 15.30 -10.74
C LEU A 332 -7.85 14.01 -10.46
N PRO A 333 -6.53 14.01 -10.70
CA PRO A 333 -5.69 12.83 -10.46
C PRO A 333 -5.84 12.25 -9.07
N TYR A 334 -5.98 10.93 -9.00
CA TYR A 334 -6.14 10.22 -7.74
C TYR A 334 -4.77 10.14 -7.06
N THR A 335 -4.69 10.55 -5.80
CA THR A 335 -3.41 10.52 -5.10
C THR A 335 -3.52 9.92 -3.69
N PRO A 336 -3.59 8.59 -3.58
CA PRO A 336 -3.70 7.90 -2.29
C PRO A 336 -2.55 8.28 -1.34
N ALA A 337 -2.88 9.01 -0.28
CA ALA A 337 -1.88 9.45 0.68
C ALA A 337 -1.20 8.31 1.43
N ALA A 338 -1.82 7.14 1.47
CA ALA A 338 -1.24 6.01 2.17
C ALA A 338 0.13 5.64 1.62
N GLN A 339 0.31 5.79 0.31
CA GLN A 339 1.57 5.46 -0.34
C GLN A 339 2.75 6.35 0.03
N THR A 340 2.47 7.49 0.68
CA THR A 340 3.55 8.38 1.09
C THR A 340 3.39 8.67 2.59
N SER A 341 2.63 7.79 3.25
CA SER A 341 2.38 7.91 4.68
C SER A 341 1.88 9.31 5.04
N GLU A 342 0.88 9.79 4.29
CA GLU A 342 0.32 11.11 4.52
C GLU A 342 -1.17 11.12 4.81
N THR A 343 -1.73 9.98 5.23
CA THR A 343 -3.16 9.95 5.57
C THR A 343 -3.30 10.52 6.97
N LEU A 344 -4.53 10.64 7.45
CA LEU A 344 -4.74 11.15 8.79
C LEU A 344 -4.04 10.19 9.77
N GLY A 345 -3.67 10.70 10.95
CA GLY A 345 -2.98 9.88 11.94
C GLY A 345 -3.79 8.68 12.41
N PHE A 346 -3.15 7.75 13.11
CA PHE A 346 -3.82 6.55 13.61
C PHE A 346 -4.19 6.61 15.10
N TYR A 347 -4.11 7.80 15.70
CA TYR A 347 -4.44 7.92 17.11
C TYR A 347 -5.58 8.90 17.32
N PRO A 348 -6.75 8.39 17.74
CA PRO A 348 -7.93 9.24 17.97
C PRO A 348 -7.69 10.42 18.92
N TRP A 349 -6.77 10.26 19.87
CA TRP A 349 -6.54 11.34 20.81
C TRP A 349 -5.40 12.30 20.44
N LYS A 350 -4.92 12.24 19.21
CA LYS A 350 -3.85 13.12 18.75
C LYS A 350 -4.28 13.91 17.51
N PRO A 351 -3.95 15.20 17.45
CA PRO A 351 -4.31 16.03 16.30
C PRO A 351 -3.59 15.58 15.03
N THR A 352 -4.16 15.86 13.87
CA THR A 352 -3.54 15.49 12.59
C THR A 352 -3.70 16.66 11.67
N ALA A 353 -3.27 16.45 10.42
CA ALA A 353 -3.35 17.49 9.43
C ALA A 353 -3.55 16.88 8.06
N PRO A 354 -4.17 17.62 7.13
CA PRO A 354 -4.38 17.10 5.79
C PRO A 354 -3.04 17.17 5.04
N ALA A 355 -2.96 16.57 3.86
CA ALA A 355 -1.74 16.58 3.09
C ALA A 355 -1.83 17.56 1.93
N PRO A 356 -0.75 18.26 1.62
CA PRO A 356 -0.81 19.22 0.50
C PRO A 356 -1.05 18.46 -0.82
N TYR A 357 -2.01 18.93 -1.62
CA TYR A 357 -2.33 18.26 -2.88
C TYR A 357 -1.43 18.69 -4.03
N ARG A 358 -0.91 17.69 -4.73
CA ARG A 358 -0.01 17.89 -5.85
C ARG A 358 -0.24 16.69 -6.80
N TYR A 359 0.00 16.86 -8.10
CA TYR A 359 -0.19 15.74 -9.03
C TYR A 359 0.83 15.77 -10.17
N TYR A 360 1.12 14.60 -10.72
CA TYR A 360 2.09 14.49 -11.82
C TYR A 360 1.66 15.22 -13.08
N PHE A 361 2.64 15.74 -13.79
CA PHE A 361 2.42 16.45 -15.04
C PHE A 361 3.39 15.80 -16.02
N PHE A 362 2.97 15.60 -17.27
CA PHE A 362 3.85 14.96 -18.24
C PHE A 362 5.09 15.77 -18.62
N MET A 363 6.24 15.11 -18.54
CA MET A 363 7.51 15.72 -18.89
C MET A 363 8.44 14.64 -19.44
N PRO A 364 8.93 14.82 -20.67
CA PRO A 364 9.83 13.84 -21.29
C PRO A 364 11.03 13.64 -20.38
N ARG A 365 11.43 12.38 -20.17
CA ARG A 365 12.56 12.08 -19.31
C ARG A 365 13.25 10.83 -19.82
N GLN A 366 14.57 10.92 -20.00
CA GLN A 366 15.33 9.77 -20.50
C GLN A 366 16.67 9.64 -19.80
N LEU A 367 17.00 8.41 -19.39
CA LEU A 367 18.24 8.14 -18.67
C LEU A 367 18.97 6.91 -19.19
N SER A 368 20.26 7.07 -19.52
CA SER A 368 21.10 5.98 -20.02
C SER A 368 21.36 4.95 -18.94
N VAL A 369 21.68 3.74 -19.34
CA VAL A 369 21.96 2.68 -18.40
C VAL A 369 23.46 2.40 -18.35
N THR A 370 23.99 2.26 -17.14
CA THR A 370 25.41 1.97 -16.94
C THR A 370 25.58 1.16 -15.67
N SER A 371 26.78 0.62 -15.46
CA SER A 371 27.07 -0.12 -14.24
C SER A 371 28.26 0.61 -13.64
N SER A 372 28.66 0.24 -12.42
CA SER A 372 29.79 0.91 -11.80
C SER A 372 31.09 0.56 -12.55
N ASN A 373 31.04 -0.48 -13.39
CA ASN A 373 32.21 -0.89 -14.15
C ASN A 373 32.25 -0.29 -15.55
N SER A 374 31.28 0.56 -15.88
CA SER A 374 31.27 1.18 -17.21
C SER A 374 32.57 1.93 -17.43
N ALA A 375 32.94 2.09 -18.69
CA ALA A 375 34.18 2.79 -19.08
C ALA A 375 34.23 4.17 -18.44
N GLU A 376 35.43 4.69 -18.26
CA GLU A 376 35.62 6.00 -17.64
C GLU A 376 35.00 7.17 -18.41
N GLY A 377 35.32 7.27 -19.68
CA GLY A 377 34.79 8.34 -20.50
C GLY A 377 33.39 8.08 -21.03
N THR A 378 32.62 7.27 -20.30
CA THR A 378 31.25 6.95 -20.72
C THR A 378 30.32 8.12 -20.46
N GLN A 379 29.57 8.51 -21.49
CA GLN A 379 28.63 9.61 -21.36
C GLN A 379 27.26 9.11 -20.93
N ILE A 380 26.76 9.64 -19.84
CA ILE A 380 25.44 9.26 -19.35
C ILE A 380 24.45 10.29 -19.89
N THR A 381 23.48 9.84 -20.67
CA THR A 381 22.46 10.73 -21.20
C THR A 381 21.39 10.86 -20.12
N ASP A 382 21.19 12.09 -19.64
CA ASP A 382 20.21 12.36 -18.61
C ASP A 382 19.45 13.61 -19.00
N THR A 383 18.35 13.43 -19.72
CA THR A 383 17.56 14.55 -20.20
C THR A 383 16.13 14.67 -19.70
N ILE A 384 15.62 15.89 -19.78
CA ILE A 384 14.24 16.20 -19.42
C ILE A 384 13.78 17.18 -20.50
N GLY A 385 12.57 16.98 -21.03
CA GLY A 385 12.09 17.85 -22.08
C GLY A 385 11.10 18.92 -21.69
N GLU A 386 10.60 19.65 -22.68
CA GLU A 386 9.63 20.71 -22.48
C GLU A 386 8.21 20.11 -22.50
N PRO A 387 7.22 20.89 -22.05
CA PRO A 387 5.84 20.39 -22.03
C PRO A 387 5.38 20.01 -23.44
N GLN A 388 4.66 18.91 -23.56
CA GLN A 388 4.17 18.45 -24.85
C GLN A 388 2.68 18.68 -25.02
N ALA A 389 2.30 19.31 -26.13
CA ALA A 389 0.90 19.60 -26.41
C ALA A 389 0.01 18.36 -26.31
N LEU A 390 0.48 17.25 -26.87
CA LEU A 390 -0.27 16.00 -26.86
C LEU A 390 -0.62 15.43 -25.49
N ASN A 391 0.16 15.75 -24.46
CA ASN A 391 -0.09 15.15 -23.15
C ASN A 391 -0.21 16.09 -21.96
N SER A 392 -0.32 17.39 -22.22
CA SER A 392 -0.42 18.34 -21.13
C SER A 392 -1.82 18.46 -20.55
N GLN A 393 -1.92 18.28 -19.24
CA GLN A 393 -3.21 18.42 -18.57
C GLN A 393 -3.04 19.20 -17.28
N PHE A 394 -3.40 20.47 -17.32
CA PHE A 394 -3.32 21.33 -16.16
C PHE A 394 -4.75 21.60 -15.67
N PHE A 395 -5.07 21.12 -14.48
CA PHE A 395 -6.40 21.32 -13.89
C PHE A 395 -6.28 22.17 -12.63
N THR A 396 -7.32 22.94 -12.34
CA THR A 396 -7.36 23.73 -11.12
C THR A 396 -8.61 23.25 -10.39
N ILE A 397 -8.62 23.37 -9.06
CA ILE A 397 -9.78 22.97 -8.28
C ILE A 397 -10.91 23.96 -8.62
N GLU A 398 -10.56 25.24 -8.61
CA GLU A 398 -11.51 26.31 -8.89
C GLU A 398 -12.31 26.20 -10.18
N ASN A 399 -11.69 25.68 -11.25
CA ASN A 399 -12.42 25.57 -12.51
C ASN A 399 -13.16 24.26 -12.69
N THR A 400 -12.93 23.30 -11.81
CA THR A 400 -13.56 22.00 -11.98
C THR A 400 -14.55 21.56 -10.90
N LEU A 401 -14.37 22.04 -9.68
CA LEU A 401 -15.25 21.64 -8.58
C LEU A 401 -16.01 22.77 -7.91
N PRO A 402 -17.26 22.52 -7.53
CA PRO A 402 -18.01 23.58 -6.85
C PRO A 402 -17.36 23.70 -5.47
N ILE A 403 -17.21 24.92 -4.95
CA ILE A 403 -16.56 25.10 -3.66
C ILE A 403 -17.46 25.67 -2.56
N THR A 404 -17.43 25.03 -1.41
CA THR A 404 -18.22 25.48 -0.27
C THR A 404 -17.38 26.30 0.69
N LEU A 405 -17.93 27.39 1.18
CA LEU A 405 -17.21 28.25 2.13
C LEU A 405 -17.75 27.97 3.53
N LEU A 406 -16.88 27.57 4.44
CA LEU A 406 -17.29 27.27 5.80
C LEU A 406 -16.82 28.29 6.82
N ARG A 407 -17.76 28.97 7.47
CA ARG A 407 -17.41 29.89 8.52
C ARG A 407 -17.56 29.06 9.80
N THR A 408 -17.13 29.61 10.93
CA THR A 408 -17.18 28.87 12.19
C THR A 408 -18.50 28.18 12.53
N GLY A 409 -19.61 28.70 12.03
CA GLY A 409 -20.89 28.08 12.33
C GLY A 409 -21.41 27.13 11.26
N ASP A 410 -20.61 26.87 10.23
CA ASP A 410 -21.02 25.98 9.16
C ASP A 410 -20.43 24.60 9.33
N GLU A 411 -20.97 23.64 8.59
CA GLU A 411 -20.49 22.27 8.66
C GLU A 411 -20.64 21.69 7.25
N PHE A 412 -19.89 20.63 6.95
CA PHE A 412 -19.96 20.03 5.62
C PHE A 412 -20.07 18.52 5.69
N THR A 413 -20.99 17.98 4.91
CA THR A 413 -21.20 16.53 4.88
C THR A 413 -21.17 16.02 3.45
N THR A 414 -20.59 14.85 3.25
CA THR A 414 -20.48 14.27 1.91
C THR A 414 -21.68 13.44 1.50
N GLY A 415 -22.44 12.94 2.46
CA GLY A 415 -23.55 12.08 2.11
C GLY A 415 -22.95 10.68 2.09
N THR A 416 -23.77 9.66 1.87
CA THR A 416 -23.25 8.30 1.88
C THR A 416 -22.90 7.72 0.53
N TYR A 417 -21.69 7.16 0.46
CA TYR A 417 -21.20 6.54 -0.75
C TYR A 417 -21.22 5.02 -0.59
N ILE A 418 -21.70 4.32 -1.62
CA ILE A 418 -21.78 2.87 -1.58
C ILE A 418 -20.67 2.22 -2.40
N PHE A 419 -19.90 1.35 -1.76
CA PHE A 419 -18.81 0.67 -2.45
C PHE A 419 -19.31 -0.51 -3.27
N ASN A 420 -18.58 -0.77 -4.36
CA ASN A 420 -18.85 -1.90 -5.23
C ASN A 420 -17.47 -2.53 -5.34
N THR A 421 -17.16 -3.46 -4.45
CA THR A 421 -15.91 -4.19 -4.51
C THR A 421 -16.07 -5.69 -4.26
N ASP A 422 -15.00 -6.43 -4.45
CA ASP A 422 -15.02 -7.87 -4.23
C ASP A 422 -14.58 -8.21 -2.82
N PRO A 423 -15.24 -9.19 -2.21
CA PRO A 423 -14.91 -9.62 -0.85
C PRO A 423 -13.47 -10.09 -0.75
N LEU A 424 -12.86 -9.80 0.39
CA LEU A 424 -11.49 -10.18 0.65
C LEU A 424 -11.48 -11.41 1.57
N LYS A 425 -10.74 -12.45 1.20
CA LYS A 425 -10.66 -13.65 2.04
C LYS A 425 -9.72 -13.36 3.21
N LEU A 426 -10.15 -13.72 4.41
CA LEU A 426 -9.38 -13.51 5.63
C LEU A 426 -8.56 -14.75 5.98
N THR A 427 -8.54 -15.70 5.05
CA THR A 427 -7.81 -16.94 5.22
C THR A 427 -6.67 -17.02 4.22
N HIS A 428 -5.66 -17.82 4.55
CA HIS A 428 -4.48 -17.98 3.70
C HIS A 428 -4.33 -19.43 3.25
N THR A 429 -3.71 -19.64 2.10
CA THR A 429 -3.55 -20.97 1.54
C THR A 429 -2.14 -21.56 1.63
N TRP A 430 -2.06 -22.88 1.66
CA TRP A 430 -0.79 -23.57 1.88
C TRP A 430 -0.51 -24.67 0.87
N GLN A 431 -1.54 -25.15 0.20
CA GLN A 431 -1.34 -26.18 -0.82
C GLN A 431 -0.56 -25.71 -2.04
N THR A 432 0.58 -26.35 -2.29
CA THR A 432 1.40 -26.01 -3.45
C THR A 432 1.07 -27.08 -4.50
N ASN A 433 1.74 -27.03 -5.65
CA ASN A 433 1.49 -28.02 -6.67
C ASN A 433 1.74 -29.44 -6.17
N ARG A 434 2.63 -29.58 -5.19
CA ARG A 434 2.96 -30.88 -4.63
C ARG A 434 1.89 -31.41 -3.68
N HIS A 435 0.88 -30.59 -3.39
CA HIS A 435 -0.17 -30.99 -2.47
C HIS A 435 -1.56 -31.07 -3.11
N LEU A 436 -1.61 -31.13 -4.44
CA LEU A 436 -2.89 -31.18 -5.13
C LEU A 436 -3.35 -32.55 -5.57
N GLY A 437 -4.52 -32.96 -5.08
CA GLY A 437 -5.08 -34.24 -5.48
C GLY A 437 -4.80 -35.44 -4.60
N MET A 438 -4.99 -36.61 -5.21
CA MET A 438 -4.79 -37.89 -4.55
C MET A 438 -3.31 -38.17 -4.30
N PRO A 439 -2.90 -38.31 -3.03
CA PRO A 439 -1.48 -38.59 -2.77
C PRO A 439 -1.21 -40.02 -3.24
N PRO A 440 0.05 -40.36 -3.55
CA PRO A 440 0.34 -41.72 -3.99
C PRO A 440 0.03 -42.69 -2.85
N ARG A 441 -0.36 -43.92 -3.17
CA ARG A 441 -0.70 -44.89 -2.12
C ARG A 441 0.51 -45.57 -1.50
N ILE A 442 0.60 -45.51 -0.18
CA ILE A 442 1.71 -46.14 0.52
C ILE A 442 1.52 -47.65 0.47
N THR A 443 2.62 -48.37 0.55
CA THR A 443 2.59 -49.83 0.50
C THR A 443 2.11 -50.45 1.81
N ASP A 444 2.51 -49.84 2.92
CA ASP A 444 2.12 -50.29 4.25
C ASP A 444 2.23 -49.11 5.19
N LEU A 445 1.50 -49.15 6.29
CA LEU A 445 1.57 -48.07 7.25
C LEU A 445 2.93 -48.17 7.96
N PRO A 446 3.47 -47.03 8.41
CA PRO A 446 4.77 -47.04 9.10
C PRO A 446 4.77 -48.10 10.21
N THR A 447 5.92 -48.74 10.39
CA THR A 447 6.04 -49.78 11.41
C THR A 447 6.21 -49.26 12.84
N SER A 448 6.57 -47.99 12.99
CA SER A 448 6.74 -47.40 14.32
C SER A 448 6.57 -45.89 14.18
N ASP A 449 6.46 -45.19 15.31
CA ASP A 449 6.28 -43.75 15.25
C ASP A 449 7.48 -42.97 14.73
N THR A 450 8.58 -43.67 14.49
CA THR A 450 9.77 -42.98 13.99
C THR A 450 10.08 -43.45 12.57
N ALA A 451 9.24 -44.34 12.06
CA ALA A 451 9.42 -44.88 10.73
C ALA A 451 8.78 -44.06 9.61
N THR A 452 9.26 -44.33 8.40
CA THR A 452 8.80 -43.70 7.18
C THR A 452 8.02 -44.76 6.41
N ALA A 453 7.31 -44.36 5.36
CA ALA A 453 6.57 -45.34 4.55
C ALA A 453 7.09 -45.36 3.12
N SER A 454 6.71 -46.39 2.37
CA SER A 454 7.15 -46.53 0.99
C SER A 454 6.01 -46.51 0.01
N LEU A 455 6.30 -46.09 -1.21
CA LEU A 455 5.32 -46.08 -2.28
C LEU A 455 5.69 -47.28 -3.14
N THR A 456 4.94 -47.57 -4.19
CA THR A 456 5.34 -48.69 -5.01
C THR A 456 6.39 -48.12 -5.95
N ALA A 457 7.38 -48.93 -6.34
CA ALA A 457 8.46 -48.48 -7.24
C ALA A 457 7.89 -47.59 -8.34
N ASN A 458 8.50 -46.43 -8.57
CA ASN A 458 7.96 -45.52 -9.58
C ASN A 458 7.86 -46.12 -10.98
N GLY A 459 8.52 -47.25 -11.21
CA GLY A 459 8.45 -47.89 -12.50
C GLY A 459 7.18 -48.73 -12.64
N ASP A 460 6.52 -49.02 -11.52
CA ASP A 460 5.30 -49.81 -11.53
C ASP A 460 4.10 -49.02 -11.02
N ARG A 461 4.31 -47.73 -10.81
CA ARG A 461 3.27 -46.86 -10.27
C ARG A 461 2.28 -46.33 -11.31
N PHE A 462 1.01 -46.22 -10.92
CA PHE A 462 0.01 -45.68 -11.84
C PHE A 462 0.09 -44.16 -11.73
N GLY A 463 -0.35 -43.45 -12.76
CA GLY A 463 -0.30 -42.00 -12.71
C GLY A 463 -0.01 -41.41 -14.06
N SER A 464 0.08 -40.07 -14.13
CA SER A 464 0.38 -39.44 -15.40
C SER A 464 1.37 -38.31 -15.26
N THR A 465 2.10 -38.05 -16.34
CA THR A 465 3.09 -36.97 -16.37
C THR A 465 3.04 -36.35 -17.76
N GLN A 466 3.81 -35.29 -17.95
CA GLN A 466 3.88 -34.64 -19.25
C GLN A 466 5.32 -34.66 -19.73
N THR A 467 6.00 -35.77 -19.42
CA THR A 467 7.38 -36.01 -19.82
C THR A 467 7.34 -37.43 -20.37
N GLN A 468 7.05 -37.55 -21.66
CA GLN A 468 6.90 -38.86 -22.26
C GLN A 468 8.17 -39.67 -22.49
N ASN A 469 9.33 -39.09 -22.21
CA ASN A 469 10.56 -39.82 -22.40
C ASN A 469 10.93 -40.76 -21.24
N VAL A 470 10.17 -40.70 -20.15
CA VAL A 470 10.46 -41.55 -19.00
C VAL A 470 9.30 -42.46 -18.61
N ASN A 471 9.59 -43.73 -18.37
CA ASN A 471 8.56 -44.68 -18.01
C ASN A 471 8.45 -44.86 -16.51
N TYR A 472 8.06 -43.80 -15.83
CA TYR A 472 7.76 -43.87 -14.41
C TYR A 472 7.03 -42.61 -13.98
N VAL A 473 6.41 -42.64 -12.80
CA VAL A 473 5.81 -41.44 -12.28
C VAL A 473 6.37 -41.15 -10.90
N THR A 474 6.54 -39.87 -10.60
CA THR A 474 7.05 -39.44 -9.30
C THR A 474 6.22 -38.24 -8.89
N GLU A 475 6.27 -37.89 -7.61
CA GLU A 475 5.52 -36.75 -7.14
C GLU A 475 5.90 -35.46 -7.85
N ALA A 476 7.19 -35.31 -8.16
CA ALA A 476 7.65 -34.10 -8.84
C ALA A 476 7.23 -34.05 -10.31
N LEU A 477 7.09 -35.22 -10.94
CA LEU A 477 6.71 -35.28 -12.34
C LEU A 477 5.22 -35.36 -12.64
N ARG A 478 4.41 -35.74 -11.64
CA ARG A 478 2.97 -35.86 -11.85
C ARG A 478 2.30 -34.62 -12.43
N THR A 479 1.29 -34.86 -13.24
CA THR A 479 0.53 -33.76 -13.84
C THR A 479 -0.43 -33.27 -12.77
N ARG A 480 -0.49 -31.96 -12.56
CA ARG A 480 -1.39 -31.38 -11.59
C ARG A 480 -2.37 -30.52 -12.38
N PRO A 481 -3.55 -30.24 -11.82
CA PRO A 481 -4.58 -29.43 -12.51
C PRO A 481 -4.06 -28.11 -13.09
N ALA A 482 -3.33 -27.35 -12.29
CA ALA A 482 -2.82 -26.07 -12.74
C ALA A 482 -1.53 -25.70 -12.04
N GLN A 483 -1.11 -24.45 -12.19
CA GLN A 483 0.12 -23.97 -11.57
C GLN A 483 -0.19 -22.95 -10.49
N ILE A 484 0.05 -23.30 -9.23
CA ILE A 484 -0.20 -22.39 -8.13
C ILE A 484 1.00 -21.48 -7.96
N GLY A 485 0.81 -20.21 -8.26
CA GLY A 485 1.90 -19.23 -8.19
C GLY A 485 2.63 -19.26 -9.52
N PHE A 486 3.67 -18.45 -9.66
CA PHE A 486 4.43 -18.41 -10.91
C PHE A 486 5.69 -17.58 -10.71
N MET A 487 6.65 -17.72 -11.62
CA MET A 487 7.91 -16.99 -11.56
C MET A 487 7.75 -15.60 -12.15
N GLN A 488 8.25 -14.60 -11.44
CA GLN A 488 8.16 -13.21 -11.90
C GLN A 488 9.55 -12.60 -12.07
N PRO A 489 9.78 -11.85 -13.15
CA PRO A 489 11.07 -11.23 -13.41
C PRO A 489 11.44 -10.27 -12.27
N HIS A 490 12.72 -10.22 -11.90
CA HIS A 490 13.17 -9.36 -10.80
C HIS A 490 14.69 -9.21 -10.81
N ASP A 491 15.21 -8.01 -10.52
CA ASP A 491 14.42 -6.80 -10.24
C ASP A 491 14.34 -6.08 -11.58
N ASN A 492 13.21 -6.30 -12.25
CA ASN A 492 12.94 -5.77 -13.57
C ASN A 492 12.66 -4.27 -13.63
N PHE A 493 13.50 -3.55 -14.39
CA PHE A 493 13.34 -2.11 -14.57
C PHE A 493 12.99 -1.83 -16.02
N GLU A 494 11.82 -1.28 -16.26
CA GLU A 494 11.42 -0.96 -17.62
C GLU A 494 11.42 0.55 -17.77
N ALA A 495 11.45 1.00 -19.02
CA ALA A 495 11.70 2.38 -19.33
C ALA A 495 10.66 2.91 -20.29
N ASN A 496 10.40 4.21 -20.16
CA ASN A 496 9.31 4.87 -20.83
C ASN A 496 9.72 6.31 -21.04
N ARG A 497 8.80 7.10 -21.57
CA ARG A 497 9.04 8.51 -21.73
C ARG A 497 9.23 9.08 -20.32
N GLY A 498 8.73 8.38 -19.32
CA GLY A 498 8.78 8.90 -17.95
C GLY A 498 10.05 8.55 -17.21
N GLY A 499 10.93 7.80 -17.86
CA GLY A 499 12.17 7.40 -17.22
C GLY A 499 12.11 5.94 -16.80
N PRO A 500 13.11 5.45 -16.07
CA PRO A 500 13.10 4.04 -15.64
C PRO A 500 12.23 3.83 -14.40
N PHE A 501 11.70 2.63 -14.26
CA PHE A 501 10.88 2.29 -13.10
C PHE A 501 10.89 0.80 -12.83
N LYS A 502 10.84 0.45 -11.56
CA LYS A 502 10.82 -0.94 -11.12
C LYS A 502 9.40 -1.49 -11.36
N VAL A 503 9.31 -2.55 -12.15
CA VAL A 503 8.01 -3.15 -12.42
C VAL A 503 7.48 -3.83 -11.17
N PRO A 504 6.26 -3.49 -10.73
CA PRO A 504 5.71 -4.13 -9.53
C PRO A 504 5.55 -5.63 -9.69
N VAL A 505 5.62 -6.32 -8.56
CA VAL A 505 5.52 -7.78 -8.51
C VAL A 505 4.35 -8.21 -7.63
N VAL A 506 3.69 -9.30 -7.99
CA VAL A 506 2.58 -9.79 -7.17
C VAL A 506 3.13 -10.35 -5.86
N PRO A 507 2.61 -9.87 -4.71
CA PRO A 507 3.05 -10.33 -3.38
C PRO A 507 2.72 -11.80 -3.12
N LEU A 508 3.74 -12.63 -2.98
CA LEU A 508 3.52 -14.04 -2.71
C LEU A 508 4.50 -14.51 -1.64
N ASP A 509 4.34 -15.76 -1.19
CA ASP A 509 5.21 -16.32 -0.17
C ASP A 509 6.68 -16.17 -0.54
N ILE A 510 7.51 -15.70 0.39
CA ILE A 510 8.93 -15.55 0.07
C ILE A 510 9.63 -16.90 0.19
N THR A 511 8.96 -17.86 0.84
CA THR A 511 9.44 -19.23 0.94
C THR A 511 10.51 -19.40 2.01
N ALA A 512 11.02 -20.62 2.12
CA ALA A 512 12.12 -20.90 3.03
C ALA A 512 13.41 -20.29 2.47
N GLY A 513 13.44 -20.11 1.15
CA GLY A 513 14.61 -19.51 0.52
C GLY A 513 14.69 -18.03 0.84
N GLU A 514 13.60 -17.48 1.34
CA GLU A 514 13.52 -16.06 1.70
C GLU A 514 13.84 -15.10 0.57
N ASP A 515 13.20 -15.32 -0.58
CA ASP A 515 13.42 -14.47 -1.74
C ASP A 515 12.42 -13.33 -1.72
N HIS A 516 12.79 -12.27 -1.01
CA HIS A 516 11.95 -11.09 -0.87
C HIS A 516 11.56 -10.43 -2.18
N ASP A 517 12.53 -9.99 -2.96
CA ASP A 517 12.25 -9.31 -4.21
C ASP A 517 11.54 -10.15 -5.27
N ALA A 518 11.93 -11.41 -5.39
CA ALA A 518 11.31 -12.28 -6.38
C ALA A 518 9.82 -12.52 -6.10
N ASN A 519 9.42 -12.37 -4.85
CA ASN A 519 8.03 -12.60 -4.47
C ASN A 519 7.32 -11.34 -3.97
N GLY A 520 7.82 -10.20 -4.41
CA GLY A 520 7.23 -8.92 -4.07
C GLY A 520 6.96 -8.53 -2.63
N ALA A 521 7.87 -8.85 -1.72
CA ALA A 521 7.70 -8.44 -0.33
C ALA A 521 7.67 -6.91 -0.39
N ILE A 522 6.88 -6.28 0.47
CA ILE A 522 6.79 -4.82 0.46
C ILE A 522 7.47 -4.20 1.66
N ARG A 523 8.35 -3.24 1.42
CA ARG A 523 9.03 -2.56 2.51
C ARG A 523 8.54 -1.12 2.53
N PHE A 524 7.92 -0.72 3.64
CA PHE A 524 7.43 0.65 3.74
C PHE A 524 8.10 1.44 4.84
N ASN A 525 8.16 2.76 4.63
CA ASN A 525 8.80 3.69 5.54
C ASN A 525 7.77 4.71 5.98
N TYR A 526 7.58 4.81 7.29
CA TYR A 526 6.56 5.69 7.84
C TYR A 526 6.98 6.46 9.09
N GLY A 527 6.14 7.43 9.47
CA GLY A 527 6.40 8.26 10.63
C GLY A 527 5.61 7.99 11.90
N LYS A 528 5.73 8.90 12.85
CA LYS A 528 5.08 8.78 14.14
C LYS A 528 3.56 8.81 14.18
N GLN A 529 2.92 9.35 13.15
CA GLN A 529 1.47 9.36 13.11
C GLN A 529 0.94 8.01 12.67
N HIS A 530 1.81 7.22 12.04
CA HIS A 530 1.38 5.95 11.50
C HIS A 530 2.05 4.70 12.02
N GLY A 531 2.55 4.74 13.26
CA GLY A 531 3.15 3.54 13.80
C GLY A 531 4.51 3.67 14.45
N GLU A 532 5.36 4.55 13.93
CA GLU A 532 6.69 4.74 14.49
C GLU A 532 6.59 5.16 15.95
N ASP A 533 7.51 4.66 16.76
CA ASP A 533 7.56 4.99 18.18
C ASP A 533 7.78 6.50 18.35
N TRP A 534 6.89 7.15 19.10
CA TRP A 534 6.98 8.59 19.32
C TRP A 534 8.31 8.98 19.95
N ALA A 535 8.91 8.06 20.68
CA ALA A 535 10.17 8.31 21.36
C ALA A 535 11.39 8.26 20.44
N LYS A 536 11.29 7.51 19.34
CA LYS A 536 12.40 7.37 18.40
C LYS A 536 12.94 8.72 17.95
N GLN A 537 14.26 8.84 17.89
CA GLN A 537 14.90 10.08 17.48
C GLN A 537 15.57 9.95 16.13
N GLY A 538 15.87 11.09 15.52
CA GLY A 538 16.50 11.08 14.21
C GLY A 538 15.50 11.38 13.12
N ALA A 539 15.99 11.70 11.93
CA ALA A 539 15.11 12.01 10.82
C ALA A 539 14.65 10.75 10.10
N ALA A 540 15.43 9.68 10.24
CA ALA A 540 15.10 8.41 9.61
C ALA A 540 13.73 7.91 10.05
N PRO A 541 12.92 7.46 9.09
CA PRO A 541 11.59 6.94 9.40
C PRO A 541 11.67 5.50 9.87
N GLU A 542 10.54 4.95 10.30
CA GLU A 542 10.49 3.57 10.74
C GLU A 542 10.39 2.74 9.46
N ARG A 543 10.96 1.55 9.46
CA ARG A 543 10.93 0.70 8.26
C ARG A 543 10.44 -0.69 8.62
N TYR A 544 9.64 -1.29 7.73
CA TYR A 544 9.13 -2.62 7.97
C TYR A 544 8.98 -3.35 6.65
N THR A 545 9.34 -4.63 6.63
CA THR A 545 9.20 -5.43 5.42
C THR A 545 8.06 -6.41 5.64
N TRP A 546 7.04 -6.32 4.79
CA TRP A 546 5.91 -7.21 4.90
C TRP A 546 6.04 -8.39 3.94
N ASP A 547 6.07 -9.59 4.50
CA ASP A 547 6.17 -10.81 3.70
C ASP A 547 4.80 -11.47 3.68
N ALA A 548 4.31 -11.80 2.48
CA ALA A 548 2.98 -12.42 2.32
C ALA A 548 2.71 -13.59 3.27
N ILE A 549 1.52 -13.59 3.85
CA ILE A 549 1.11 -14.67 4.74
C ILE A 549 1.12 -15.91 3.86
N ASP A 550 0.91 -15.73 2.57
CA ASP A 550 0.72 -16.87 1.70
C ASP A 550 1.92 -17.80 1.77
N SER A 551 1.63 -19.10 1.85
CA SER A 551 2.67 -20.13 1.97
C SER A 551 2.68 -21.14 0.82
N ALA A 552 1.92 -20.88 -0.22
CA ALA A 552 1.66 -21.85 -1.27
C ALA A 552 1.88 -21.41 -2.72
N ALA A 553 2.06 -20.10 -2.95
CA ALA A 553 2.21 -19.60 -4.31
C ALA A 553 3.57 -18.95 -4.57
N GLY A 554 4.39 -18.82 -3.54
CA GLY A 554 5.70 -18.21 -3.74
C GLY A 554 6.69 -19.10 -4.48
N ARG A 555 7.87 -18.55 -4.76
CA ARG A 555 8.91 -19.28 -5.46
C ARG A 555 10.27 -19.20 -4.77
N ASP A 556 10.86 -20.36 -4.51
CA ASP A 556 12.18 -20.48 -3.88
C ASP A 556 13.14 -20.50 -5.08
N THR A 557 13.40 -19.34 -5.66
CA THR A 557 14.23 -19.25 -6.86
C THR A 557 15.53 -20.06 -6.95
N ALA A 558 16.28 -20.18 -5.86
CA ALA A 558 17.52 -20.95 -5.91
C ALA A 558 17.29 -22.44 -6.16
N ARG A 559 16.13 -22.96 -5.77
CA ARG A 559 15.84 -24.38 -5.96
C ARG A 559 15.08 -24.65 -7.26
N CYS A 560 14.90 -23.63 -8.09
CA CYS A 560 14.20 -23.81 -9.35
C CYS A 560 15.20 -24.19 -10.45
N PHE A 561 14.74 -24.91 -11.46
CA PHE A 561 15.60 -25.32 -12.55
C PHE A 561 14.81 -25.76 -13.78
N VAL A 562 15.46 -25.74 -14.94
CA VAL A 562 14.81 -26.14 -16.19
C VAL A 562 15.68 -27.19 -16.88
N GLN A 563 15.08 -28.30 -17.30
CA GLN A 563 15.82 -29.36 -17.99
C GLN A 563 15.47 -29.40 -19.45
N SER A 564 16.37 -29.92 -20.27
CA SER A 564 16.12 -30.03 -21.70
C SER A 564 15.21 -31.24 -21.95
N ALA A 565 14.61 -31.29 -23.13
CA ALA A 565 13.73 -32.41 -23.49
C ALA A 565 14.15 -32.99 -24.83
N PRO A 566 14.01 -34.32 -25.03
CA PRO A 566 13.49 -35.34 -24.11
C PRO A 566 14.26 -35.28 -22.79
N ILE A 567 13.52 -35.32 -21.69
CA ILE A 567 14.15 -35.22 -20.38
C ILE A 567 15.11 -36.37 -20.05
N SER A 568 16.17 -36.03 -19.34
CA SER A 568 17.18 -37.00 -18.90
C SER A 568 17.29 -36.89 -17.39
N ILE A 569 17.15 -38.01 -16.70
CA ILE A 569 17.26 -38.00 -15.24
C ILE A 569 18.23 -39.09 -14.81
N PRO A 570 19.35 -38.72 -14.21
CA PRO A 570 19.77 -37.34 -13.90
C PRO A 570 20.35 -36.64 -15.12
N PRO A 571 20.24 -35.31 -15.18
CA PRO A 571 20.79 -34.60 -16.34
C PRO A 571 22.25 -34.23 -16.11
N ASN A 572 23.01 -34.09 -17.18
CA ASN A 572 24.40 -33.66 -17.05
C ASN A 572 24.33 -32.13 -17.12
N GLN A 573 25.42 -31.43 -16.83
CA GLN A 573 25.40 -29.97 -16.83
C GLN A 573 24.90 -29.29 -18.10
N ASN A 574 24.91 -29.97 -19.24
CA ASN A 574 24.42 -29.35 -20.46
C ASN A 574 22.93 -29.56 -20.67
N GLN A 575 22.32 -30.37 -19.83
CA GLN A 575 20.90 -30.67 -19.95
C GLN A 575 20.06 -30.01 -18.87
N ILE A 576 20.67 -29.07 -18.15
CA ILE A 576 19.96 -28.39 -17.09
C ILE A 576 20.45 -26.95 -16.95
N LEU A 577 19.51 -26.07 -16.62
CA LEU A 577 19.81 -24.67 -16.41
C LEU A 577 19.42 -24.41 -14.95
N GLN A 578 20.37 -23.97 -14.13
CA GLN A 578 20.09 -23.72 -12.73
C GLN A 578 20.58 -22.35 -12.25
N ARG A 579 20.51 -22.12 -10.95
CA ARG A 579 20.91 -20.84 -10.39
C ARG A 579 22.39 -20.52 -10.56
N GLU A 580 23.23 -21.54 -10.60
CA GLU A 580 24.66 -21.32 -10.75
C GLU A 580 25.07 -20.87 -12.15
N ASP A 581 24.17 -20.98 -13.12
CA ASP A 581 24.49 -20.59 -14.48
C ASP A 581 24.29 -19.09 -14.71
N ALA A 582 25.27 -18.47 -15.37
CA ALA A 582 25.23 -17.03 -15.63
C ALA A 582 24.75 -16.68 -17.03
N ILE A 583 23.88 -15.68 -17.11
CA ILE A 583 23.33 -15.22 -18.38
C ILE A 583 24.23 -14.14 -18.96
N ALA A 584 24.54 -14.25 -20.24
CA ALA A 584 25.40 -13.29 -20.93
C ALA A 584 26.70 -13.05 -20.17
N GLY A 585 27.18 -14.10 -19.51
CA GLY A 585 28.43 -14.00 -18.76
C GLY A 585 28.41 -13.15 -17.50
N ARG A 586 27.23 -12.70 -17.07
CA ARG A 586 27.17 -11.89 -15.87
C ARG A 586 26.96 -12.83 -14.69
N THR A 587 27.97 -12.86 -13.83
CA THR A 587 28.01 -13.71 -12.66
C THR A 587 26.76 -13.78 -11.78
N ASN A 588 26.13 -12.65 -11.50
CA ASN A 588 24.96 -12.65 -10.63
C ASN A 588 23.61 -12.69 -11.35
N MET A 589 23.62 -12.72 -12.68
CA MET A 589 22.39 -12.76 -13.43
C MET A 589 22.10 -14.19 -13.85
N HIS A 590 20.93 -14.69 -13.44
CA HIS A 590 20.55 -16.06 -13.75
C HIS A 590 19.26 -16.10 -14.54
N TYR A 591 18.98 -17.24 -15.17
CA TYR A 591 17.78 -17.34 -15.98
C TYR A 591 16.53 -16.90 -15.21
N THR A 592 16.53 -17.12 -13.90
CA THR A 592 15.39 -16.74 -13.08
C THR A 592 15.14 -15.25 -12.94
N ASN A 593 16.15 -14.42 -13.20
CA ASN A 593 15.95 -12.97 -13.10
C ASN A 593 15.08 -12.44 -14.22
N VAL A 594 15.13 -13.09 -15.39
CA VAL A 594 14.34 -12.65 -16.52
C VAL A 594 13.27 -13.68 -16.92
N PHE A 595 13.05 -14.66 -16.06
CA PHE A 595 12.07 -15.71 -16.33
C PHE A 595 10.66 -15.30 -15.89
N ASN A 596 9.68 -15.61 -16.74
CA ASN A 596 8.29 -15.28 -16.45
C ASN A 596 7.46 -16.51 -16.81
N SER A 597 6.92 -17.19 -15.80
CA SER A 597 6.13 -18.39 -16.06
C SER A 597 4.64 -18.15 -15.89
N TYR A 598 4.21 -16.91 -16.03
CA TYR A 598 2.79 -16.60 -15.91
C TYR A 598 2.11 -17.15 -17.15
N GLY A 599 0.97 -17.80 -16.97
CA GLY A 599 0.27 -18.36 -18.12
C GLY A 599 -1.19 -18.66 -17.81
N PRO A 600 -1.89 -19.30 -18.75
CA PRO A 600 -3.31 -19.68 -18.62
C PRO A 600 -3.57 -20.57 -17.41
N LEU A 601 -2.54 -21.28 -16.95
CA LEU A 601 -2.70 -22.18 -15.83
C LEU A 601 -2.35 -21.59 -14.46
N SER A 602 -1.93 -20.33 -14.45
CA SER A 602 -1.56 -19.68 -13.20
C SER A 602 -2.74 -19.34 -12.30
N ALA A 603 -2.58 -19.66 -11.02
CA ALA A 603 -3.60 -19.39 -10.01
C ALA A 603 -2.86 -18.86 -8.79
N PHE A 604 -3.39 -17.84 -8.15
CA PHE A 604 -2.72 -17.27 -7.00
C PHE A 604 -3.67 -16.50 -6.10
N PRO A 605 -3.27 -16.29 -4.84
CA PRO A 605 -4.10 -15.56 -3.88
C PRO A 605 -4.04 -14.05 -4.11
N HIS A 606 -4.90 -13.33 -3.42
CA HIS A 606 -5.00 -11.88 -3.50
C HIS A 606 -4.06 -11.29 -2.44
N PRO A 607 -3.47 -10.12 -2.70
CA PRO A 607 -2.57 -9.51 -1.71
C PRO A 607 -3.19 -9.28 -0.33
N ASP A 608 -2.36 -9.39 0.72
CA ASP A 608 -2.80 -9.21 2.10
C ASP A 608 -3.15 -7.79 2.48
N PRO A 609 -4.15 -7.62 3.35
CA PRO A 609 -4.49 -6.28 3.85
C PRO A 609 -3.56 -5.92 4.99
N ILE A 610 -2.80 -4.84 4.87
CA ILE A 610 -1.76 -4.58 5.87
C ILE A 610 -2.15 -3.56 6.94
N TYR A 611 -2.34 -4.05 8.17
CA TYR A 611 -2.70 -3.17 9.27
C TYR A 611 -1.45 -2.77 10.04
N PRO A 612 -1.33 -1.48 10.37
CA PRO A 612 -2.32 -0.47 9.99
C PRO A 612 -1.92 0.46 8.83
N ASN A 613 -0.70 0.30 8.33
CA ASN A 613 -0.21 1.17 7.26
C ASN A 613 -0.80 1.03 5.87
N GLY A 614 -1.33 -0.15 5.55
CA GLY A 614 -1.89 -0.38 4.22
C GLY A 614 -3.07 0.45 3.76
N GLN A 615 -3.13 0.65 2.44
CA GLN A 615 -4.21 1.38 1.80
C GLN A 615 -5.38 0.39 1.80
N ILE A 616 -6.62 0.90 1.77
CA ILE A 616 -7.78 0.02 1.79
C ILE A 616 -8.56 -0.17 0.49
N TRP A 617 -8.86 0.92 -0.22
CA TRP A 617 -9.44 0.82 -1.54
C TRP A 617 -8.61 1.59 -2.55
N ASP A 618 -8.83 1.33 -3.82
CA ASP A 618 -8.10 2.01 -4.87
C ASP A 618 -8.97 2.24 -6.10
N LYS A 619 -8.57 3.21 -6.91
CA LYS A 619 -9.27 3.52 -8.14
C LYS A 619 -8.69 2.62 -9.23
N GLU A 620 -9.52 2.20 -10.17
CA GLU A 620 -9.02 1.36 -11.25
C GLU A 620 -8.40 2.23 -12.34
N LEU A 621 -7.40 1.71 -13.03
CA LEU A 621 -6.75 2.43 -14.10
C LEU A 621 -7.74 2.56 -15.25
N ASP A 622 -7.83 3.75 -15.82
CA ASP A 622 -8.75 3.98 -16.93
C ASP A 622 -8.13 3.57 -18.27
N LEU A 623 -7.90 2.28 -18.42
CA LEU A 623 -7.35 1.73 -19.65
C LEU A 623 -8.29 0.63 -20.11
N GLU A 624 -8.44 0.49 -21.42
CA GLU A 624 -9.33 -0.51 -21.96
C GLU A 624 -9.03 -1.91 -21.42
N HIS A 625 -7.75 -2.24 -21.29
CA HIS A 625 -7.37 -3.56 -20.78
C HIS A 625 -6.75 -3.40 -19.39
N LYS A 626 -7.52 -3.79 -18.39
CA LYS A 626 -7.11 -3.63 -16.99
C LYS A 626 -6.38 -4.79 -16.36
N PRO A 627 -5.70 -4.52 -15.23
CA PRO A 627 -4.93 -5.55 -14.51
C PRO A 627 -5.89 -6.39 -13.66
N ARG A 628 -5.49 -7.63 -13.36
CA ARG A 628 -6.34 -8.51 -12.55
C ARG A 628 -6.36 -8.09 -11.08
N LEU A 629 -5.45 -7.19 -10.70
CA LEU A 629 -5.38 -6.71 -9.32
C LEU A 629 -4.37 -5.58 -9.21
N HIS A 630 -4.32 -4.97 -8.03
CA HIS A 630 -3.36 -3.90 -7.75
C HIS A 630 -2.51 -4.38 -6.59
N VAL A 631 -1.24 -4.05 -6.62
CA VAL A 631 -0.31 -4.47 -5.58
C VAL A 631 -0.45 -3.62 -4.30
N THR A 632 -0.89 -2.38 -4.47
CA THR A 632 -1.02 -1.43 -3.37
C THR A 632 -2.28 -1.44 -2.51
N ALA A 633 -3.33 -2.14 -2.92
CA ALA A 633 -4.57 -2.16 -2.13
C ALA A 633 -5.42 -3.40 -2.38
N PRO A 634 -6.09 -3.90 -1.33
CA PRO A 634 -6.95 -5.08 -1.40
C PRO A 634 -8.26 -4.89 -2.17
N PHE A 635 -8.86 -3.70 -2.10
CA PHE A 635 -10.12 -3.47 -2.79
C PHE A 635 -10.06 -2.45 -3.93
N VAL A 636 -10.10 -2.93 -5.16
CA VAL A 636 -10.13 -1.98 -6.26
C VAL A 636 -11.60 -1.75 -6.57
N CYS A 637 -12.01 -0.50 -6.62
CA CYS A 637 -13.41 -0.18 -6.91
C CYS A 637 -13.81 -0.58 -8.32
N LYS A 638 -14.86 -1.38 -8.45
CA LYS A 638 -15.37 -1.75 -9.76
C LYS A 638 -15.95 -0.55 -10.50
N ASN A 639 -16.70 0.27 -9.77
CA ASN A 639 -17.26 1.51 -10.28
C ASN A 639 -16.41 2.70 -9.82
N ASN A 640 -16.91 3.90 -10.08
CA ASN A 640 -16.24 5.10 -9.60
C ASN A 640 -15.96 5.02 -8.10
N PRO A 641 -14.75 5.38 -7.70
CA PRO A 641 -14.36 5.31 -6.28
C PRO A 641 -14.79 6.58 -5.54
N PRO A 642 -14.68 6.59 -4.20
CA PRO A 642 -15.07 7.79 -3.45
C PRO A 642 -14.21 8.97 -3.91
N GLY A 643 -14.84 10.09 -4.22
CA GLY A 643 -14.10 11.26 -4.66
C GLY A 643 -13.25 11.85 -3.55
N GLN A 644 -12.17 12.54 -3.92
CA GLN A 644 -11.29 13.12 -2.91
C GLN A 644 -11.85 14.39 -2.28
N LEU A 645 -11.51 14.59 -1.01
CA LEU A 645 -11.97 15.73 -0.23
C LEU A 645 -10.84 16.76 -0.10
N PHE A 646 -11.07 17.97 -0.62
CA PHE A 646 -10.07 19.03 -0.60
C PHE A 646 -10.45 20.20 0.31
N VAL A 647 -9.44 20.80 0.93
CA VAL A 647 -9.67 21.95 1.81
C VAL A 647 -8.52 22.94 1.68
N ARG A 648 -8.80 24.19 2.03
CA ARG A 648 -7.78 25.24 2.02
C ARG A 648 -8.36 26.49 2.66
N LEU A 649 -7.47 27.35 3.17
CA LEU A 649 -7.91 28.58 3.77
C LEU A 649 -8.12 29.60 2.66
N GLY A 650 -9.15 30.42 2.80
CA GLY A 650 -9.39 31.44 1.81
C GLY A 650 -8.39 32.56 2.09
N PRO A 651 -7.89 33.27 1.06
CA PRO A 651 -6.93 34.34 1.30
C PRO A 651 -7.47 35.38 2.29
N ASN A 652 -6.61 35.84 3.19
CA ASN A 652 -7.00 36.84 4.18
C ASN A 652 -6.24 38.11 3.87
N LEU A 653 -6.84 38.96 3.04
CA LEU A 653 -6.21 40.20 2.60
C LEU A 653 -6.04 41.26 3.69
N THR A 654 -5.11 42.18 3.43
CA THR A 654 -4.75 43.27 4.33
C THR A 654 -4.98 44.56 3.57
N ASP A 655 -4.97 45.70 4.26
CA ASP A 655 -5.52 46.90 3.69
C ASP A 655 -4.79 47.21 2.39
N GLN A 656 -3.55 46.74 2.28
CA GLN A 656 -2.75 47.05 1.11
C GLN A 656 -2.90 45.92 0.10
N PHE A 657 -3.47 46.23 -1.04
CA PHE A 657 -3.70 45.24 -2.07
C PHE A 657 -3.78 45.87 -3.46
N ASP A 658 -2.89 45.45 -4.36
CA ASP A 658 -2.90 45.99 -5.72
C ASP A 658 -2.72 44.86 -6.72
N PRO A 659 -3.81 44.51 -7.40
CA PRO A 659 -3.80 43.41 -8.36
C PRO A 659 -2.73 43.54 -9.44
N ASN A 660 -2.33 44.76 -9.77
CA ASN A 660 -1.35 44.97 -10.84
C ASN A 660 0.07 44.70 -10.39
N SER A 661 0.27 44.49 -9.10
CA SER A 661 1.61 44.21 -8.59
C SER A 661 1.66 42.76 -8.15
N THR A 662 2.87 42.25 -7.95
CA THR A 662 3.03 40.88 -7.50
C THR A 662 3.31 40.83 -6.00
N THR A 663 3.20 41.99 -5.35
CA THR A 663 3.40 42.09 -3.91
C THR A 663 2.28 41.32 -3.22
N VAL A 664 2.64 40.44 -2.30
CA VAL A 664 1.64 39.67 -1.58
C VAL A 664 1.61 40.06 -0.11
N SER A 665 0.50 40.65 0.31
CA SER A 665 0.34 41.06 1.70
C SER A 665 -0.88 40.33 2.27
N ARG A 666 -0.63 39.37 3.14
CA ARG A 666 -1.71 38.58 3.76
C ARG A 666 -1.64 38.59 5.28
N ILE A 667 -2.75 38.29 5.92
CA ILE A 667 -2.81 38.22 7.38
C ILE A 667 -2.46 36.78 7.74
N VAL A 668 -1.53 36.59 8.69
CA VAL A 668 -1.16 35.24 9.09
C VAL A 668 -2.38 34.56 9.70
N THR A 669 -2.82 33.49 9.05
CA THR A 669 -4.01 32.77 9.45
C THR A 669 -3.82 31.26 9.47
N TYR A 670 -4.66 30.58 10.23
CA TYR A 670 -4.63 29.12 10.30
C TYR A 670 -5.99 28.69 10.84
N SER A 671 -6.30 27.41 10.71
CA SER A 671 -7.57 26.93 11.20
C SER A 671 -7.49 25.52 11.71
N THR A 672 -8.53 25.12 12.44
CA THR A 672 -8.64 23.78 12.95
C THR A 672 -10.10 23.41 12.76
N PHE A 673 -10.36 22.13 12.63
CA PHE A 673 -11.71 21.67 12.46
C PHE A 673 -11.71 20.18 12.72
N TYR A 674 -12.89 19.63 12.96
CA TYR A 674 -13.00 18.20 13.21
C TYR A 674 -13.44 17.47 11.97
N TRP A 675 -12.98 16.24 11.84
CA TRP A 675 -13.34 15.39 10.73
C TRP A 675 -13.91 14.12 11.33
N LYS A 676 -15.01 13.65 10.77
CA LYS A 676 -15.59 12.41 11.22
C LYS A 676 -15.91 11.57 10.01
N GLY A 677 -15.53 10.31 10.06
CA GLY A 677 -15.81 9.41 8.96
C GLY A 677 -16.51 8.18 9.48
N ILE A 678 -17.35 7.58 8.65
CA ILE A 678 -18.04 6.36 9.02
C ILE A 678 -17.84 5.38 7.88
N LEU A 679 -17.08 4.33 8.16
CA LEU A 679 -16.77 3.30 7.18
C LEU A 679 -17.43 2.00 7.62
N LYS A 680 -18.35 1.48 6.81
CA LYS A 680 -19.05 0.25 7.14
C LYS A 680 -18.56 -0.94 6.32
N PHE A 681 -18.41 -2.07 6.99
CA PHE A 681 -17.94 -3.31 6.37
C PHE A 681 -18.96 -4.42 6.57
N LYS A 682 -18.83 -5.45 5.75
CA LYS A 682 -19.69 -6.62 5.85
C LYS A 682 -18.72 -7.79 6.01
N ALA A 683 -18.86 -8.54 7.10
CA ALA A 683 -17.96 -9.67 7.33
C ALA A 683 -18.75 -10.92 7.68
N LYS A 684 -18.07 -12.06 7.68
CA LYS A 684 -18.73 -13.31 8.03
C LYS A 684 -17.88 -14.16 8.97
N LEU A 685 -18.50 -14.62 10.06
CA LEU A 685 -17.79 -15.45 11.03
C LEU A 685 -17.28 -16.72 10.36
N ARG A 686 -16.10 -17.17 10.76
CA ARG A 686 -15.49 -18.35 10.17
C ARG A 686 -16.08 -19.66 10.67
N PRO A 687 -16.06 -20.69 9.81
CA PRO A 687 -16.57 -22.00 10.20
C PRO A 687 -15.43 -22.66 10.97
N ASN A 688 -15.71 -23.77 11.64
CA ASN A 688 -14.67 -24.45 12.42
C ASN A 688 -14.82 -25.96 12.26
N LEU A 689 -13.96 -26.58 11.47
CA LEU A 689 -14.08 -28.01 11.21
C LEU A 689 -12.89 -28.91 11.45
N THR A 690 -11.69 -28.34 11.60
CA THR A 690 -10.51 -29.17 11.81
C THR A 690 -10.51 -29.75 13.23
N TRP A 691 -9.73 -30.81 13.43
CA TRP A 691 -9.63 -31.39 14.75
C TRP A 691 -8.65 -30.58 15.59
N ASN A 692 -7.48 -30.34 15.01
CA ASN A 692 -6.43 -29.59 15.67
C ASN A 692 -6.77 -28.12 15.87
N PRO A 693 -6.25 -27.52 16.97
CA PRO A 693 -6.53 -26.10 17.19
C PRO A 693 -5.88 -25.35 16.04
N VAL A 694 -6.41 -24.16 15.79
CA VAL A 694 -5.99 -23.31 14.71
C VAL A 694 -5.01 -22.22 15.14
N TYR A 695 -4.26 -21.68 14.18
CA TYR A 695 -3.33 -20.59 14.48
C TYR A 695 -4.12 -19.30 14.74
N GLN A 696 -3.73 -18.54 15.75
CA GLN A 696 -4.45 -17.30 16.09
C GLN A 696 -3.49 -16.18 16.46
N ALA A 697 -3.81 -14.96 16.07
CA ALA A 697 -2.98 -13.82 16.41
C ALA A 697 -3.16 -13.55 17.89
N THR A 698 -2.08 -13.65 18.65
CA THR A 698 -2.14 -13.41 20.07
C THR A 698 -1.02 -12.51 20.54
N THR A 699 -1.19 -12.03 21.76
CA THR A 699 -0.24 -11.16 22.39
C THR A 699 0.50 -12.04 23.41
N ASP A 700 1.63 -11.59 23.94
CA ASP A 700 2.35 -12.40 24.95
C ASP A 700 3.18 -11.54 25.90
N SER A 701 3.81 -12.18 26.88
CA SER A 701 4.60 -11.45 27.86
C SER A 701 6.09 -11.74 27.81
N VAL A 702 6.55 -12.35 26.72
CA VAL A 702 7.97 -12.69 26.57
C VAL A 702 8.81 -11.48 26.18
N ALA A 703 9.84 -11.20 26.97
CA ALA A 703 10.71 -10.06 26.69
C ALA A 703 11.28 -10.11 25.27
N ASN A 704 11.20 -8.98 24.59
CA ASN A 704 11.71 -8.84 23.22
C ASN A 704 10.92 -9.58 22.16
N SER A 705 9.77 -10.14 22.53
CA SER A 705 8.94 -10.83 21.56
C SER A 705 8.24 -9.79 20.69
N TYR A 706 8.05 -10.11 19.42
CA TYR A 706 7.38 -9.17 18.51
C TYR A 706 5.95 -8.91 18.96
N MET A 707 5.33 -9.90 19.60
CA MET A 707 3.95 -9.76 20.06
C MET A 707 3.79 -9.45 21.55
N ASN A 708 4.79 -8.84 22.17
CA ASN A 708 4.71 -8.50 23.59
C ASN A 708 3.70 -7.35 23.80
N VAL A 709 2.74 -7.54 24.72
CA VAL A 709 1.72 -6.52 25.00
C VAL A 709 2.29 -5.12 25.17
N LYS A 710 3.41 -5.05 25.86
CA LYS A 710 4.07 -3.77 26.12
C LYS A 710 4.10 -2.88 24.88
N LYS A 711 4.27 -3.48 23.71
CA LYS A 711 4.33 -2.72 22.46
C LYS A 711 3.03 -1.99 22.12
N TRP A 712 1.91 -2.47 22.65
CA TRP A 712 0.63 -1.84 22.37
C TRP A 712 0.06 -1.09 23.57
N LEU A 713 0.93 -0.69 24.50
CA LEU A 713 0.51 0.06 25.67
C LEU A 713 1.29 1.36 25.70
N PRO A 714 0.77 2.38 26.41
CA PRO A 714 1.51 3.65 26.46
C PRO A 714 2.75 3.49 27.33
N SER A 715 3.72 4.38 27.16
CA SER A 715 4.93 4.35 27.98
C SER A 715 4.68 5.25 29.19
N ALA A 716 5.65 5.36 30.08
CA ALA A 716 5.50 6.20 31.27
C ALA A 716 5.13 7.64 30.93
N THR A 717 5.58 8.14 29.77
CA THR A 717 5.26 9.51 29.39
C THR A 717 4.21 9.57 28.28
N GLY A 718 3.62 8.41 27.97
CA GLY A 718 2.59 8.38 26.95
C GLY A 718 3.00 8.12 25.51
N ASN A 719 4.24 7.72 25.29
CA ASN A 719 4.65 7.45 23.92
C ASN A 719 3.98 6.17 23.45
N MET A 720 3.57 6.16 22.19
CA MET A 720 2.92 5.01 21.60
C MET A 720 3.61 4.62 20.32
N HIS A 721 3.32 3.39 19.88
CA HIS A 721 3.79 2.91 18.61
C HIS A 721 2.93 1.72 18.24
N SER A 722 2.52 1.66 16.98
CA SER A 722 1.65 0.60 16.51
C SER A 722 2.26 -0.19 15.36
N ASP A 723 2.91 -1.29 15.70
CA ASP A 723 3.56 -2.16 14.72
C ASP A 723 2.56 -2.94 13.87
N PRO A 724 2.97 -3.37 12.67
CA PRO A 724 2.10 -4.13 11.77
C PRO A 724 1.64 -5.42 12.45
N LEU A 725 0.38 -5.78 12.24
CA LEU A 725 -0.17 -6.99 12.82
C LEU A 725 -0.38 -8.02 11.73
N ILE A 726 -0.30 -9.29 12.10
CA ILE A 726 -0.50 -10.36 11.14
C ILE A 726 -1.96 -10.34 10.68
N CYS A 727 -2.23 -10.99 9.57
CA CYS A 727 -3.60 -11.09 9.08
C CYS A 727 -3.72 -12.47 8.46
N ARG A 728 -4.94 -12.93 8.24
CA ARG A 728 -5.18 -14.23 7.64
C ARG A 728 -4.50 -15.39 8.36
N PRO A 729 -4.54 -15.38 9.70
CA PRO A 729 -3.83 -16.43 10.46
C PRO A 729 -4.34 -17.84 10.19
N VAL A 730 -5.63 -17.98 9.95
CA VAL A 730 -6.20 -19.32 9.71
C VAL A 730 -6.06 -19.78 8.27
N PRO A 731 -5.64 -21.03 8.06
CA PRO A 731 -5.49 -21.57 6.70
C PRO A 731 -6.81 -22.17 6.18
N HIS A 732 -6.97 -22.24 4.84
N HIS A 732 -6.91 -22.20 4.82
CA HIS A 732 -8.11 -22.93 4.29
CA HIS A 732 -8.04 -22.82 4.17
C HIS A 732 -7.62 -23.80 3.16
C HIS A 732 -7.59 -23.81 3.09
N MET A 733 -8.39 -24.78 2.93
CA MET A 733 -8.03 -25.80 1.93
C MET A 733 -8.30 -25.24 0.53
N THR A 734 -7.33 -25.38 -0.36
CA THR A 734 -7.45 -24.87 -1.73
C THR A 734 -8.15 -25.82 -2.69
N TYR A 735 -7.84 -27.10 -2.56
CA TYR A 735 -8.39 -28.11 -3.45
C TYR A 735 -8.53 -29.44 -2.72
C1 EDO C . -0.54 -48.32 -8.04
O1 EDO C . 0.54 -47.40 -8.05
C2 EDO C . -0.03 -49.73 -8.37
O2 EDO C . -0.77 -50.68 -7.62
C1 EDO D . 4.31 -10.26 8.21
O1 EDO D . 5.51 -9.78 7.59
C2 EDO D . 4.65 -11.47 9.08
O2 EDO D . 3.60 -11.66 10.05
C1 EDO E . 1.63 11.72 15.92
O1 EDO E . 0.46 11.09 16.42
C2 EDO E . 1.97 12.95 16.76
O2 EDO E . 2.95 12.60 17.75
P DC F . -21.62 -12.13 -1.03
OP1 DC F . -20.13 -12.13 -0.72
OP2 DC F . -22.22 -13.52 -1.16
O5' DC F . -22.34 -11.43 0.26
C5' DC F . -23.61 -11.89 0.75
C4' DC F . -24.50 -10.70 1.05
O4' DC F . -25.71 -11.12 1.73
C3' DC F . -23.84 -9.66 1.96
O3' DC F . -24.24 -8.35 1.57
C2' DC F . -24.46 -9.95 3.32
C1' DC F . -25.85 -10.35 2.92
N1 DC F . -26.60 -11.15 3.90
C2 DC F . -26.93 -10.56 5.13
O2 DC F . -26.54 -9.40 5.36
N3 DC F . -27.65 -11.26 6.04
C4 DC F . -28.04 -12.51 5.76
N4 DC F . -28.76 -13.15 6.68
C5 DC F . -27.71 -13.14 4.52
C6 DC F . -27.00 -12.43 3.64
NA NA G . -0.14 -44.64 -6.37
C1 EDO H . -3.19 -48.06 1.84
O1 EDO H . -4.50 -48.48 2.26
C2 EDO H . -2.41 -49.27 1.27
O2 EDO H . -1.82 -50.03 2.34
NA NA I . 4.42 -17.35 4.38
CL CL J . 15.64 -10.72 -2.02
MG MG K . -22.78 15.60 -8.50
MG MG L . -21.01 13.37 -13.55
#